data_5IK6
#
_entry.id   5IK6
#
_cell.length_a   126.510
_cell.length_b   126.510
_cell.length_c   123.210
_cell.angle_alpha   90.00
_cell.angle_beta   90.00
_cell.angle_gamma   90.00
#
_symmetry.space_group_name_H-M   'P 41 21 2'
#
loop_
_entity.id
_entity.type
_entity.pdbx_description
1 polymer '5-epi-aristolochene synthase'
2 non-polymer 'MAGNESIUM ION'
3 non-polymer 'GERMACRENE A'
4 non-polymer DIPHOSPHATE
5 water water
#
_entity_poly.entity_id   1
_entity_poly.type   'polypeptide(L)'
_entity_poly.pdbx_seq_one_letter_code
;GSMASAAVANYEEEIVRPVADFSPSLWGDQFLSFSIKNQVAEKYAKEIEALKEQTRNMLLATGMKLADTLNLIDTIERLG
ISYHFEKEIDDILDQIYNQNSNCNDLCTSALQFRLLRQHGFNISPEIFSKFQDENGKFKESLASDVLGLLNLYEASHVRT
HADDILEDALAFSTIHLESAAPHLKSPLREQVTHALEQCLHKGVPRVETRFFISSIYDKEQSKNNVLLRFAKLDFNLLQM
LHKQELAQVSRWWKDLDFVTTLPYARDRVVECYFWALGVYFEPQYSQARVMLVKTISMISIVDDTFDAYGTVKELEAYTD
AIQRWDINEIDRLPDYMKISYKAILDLYKDYEKELSSAGRSHIVCHAIERMKEVVRNYNVESTWFIEGYTPPVSEYLSNA
LATTTYYYLATTSYLGMKSATEQDFEWLSKNPKILEASVIICRVIDDTATYEVEKSRGQIATGIECCMRDYGISTKEAMA
KFQNMAETAWKDINEGLLRPTPVSTEFLTPILNLARIVEVTYIHNLDGYTHPEKVLKPHIINLLVDSIKI
;
_entity_poly.pdbx_strand_id   A
#
loop_
_chem_comp.id
_chem_comp.type
_chem_comp.name
_chem_comp.formula
CRE non-polymer 'GERMACRENE A' 'C15 H24'
DPO non-polymer DIPHOSPHATE 'O7 P2 -4'
MG non-polymer 'MAGNESIUM ION' 'Mg 2'
#
# COMPACT_ATOMS: atom_id res chain seq x y z
N ILE A 15 -35.52 1.24 -21.64
CA ILE A 15 -34.71 0.32 -20.83
C ILE A 15 -33.49 1.06 -20.22
N VAL A 16 -33.77 2.14 -19.50
CA VAL A 16 -32.73 3.06 -19.05
C VAL A 16 -31.92 2.48 -17.88
N ARG A 17 -31.20 3.35 -17.17
CA ARG A 17 -30.08 2.95 -16.30
C ARG A 17 -30.21 3.38 -14.82
N PRO A 18 -29.36 2.84 -13.91
CA PRO A 18 -29.32 3.29 -12.51
C PRO A 18 -29.07 4.79 -12.35
N VAL A 19 -29.19 5.29 -11.11
CA VAL A 19 -29.04 6.72 -10.86
C VAL A 19 -27.71 7.06 -10.16
N ALA A 20 -27.08 8.14 -10.59
CA ALA A 20 -25.78 8.57 -10.08
C ALA A 20 -25.84 9.01 -8.62
N ASP A 21 -24.98 8.44 -7.78
CA ASP A 21 -24.92 8.78 -6.37
C ASP A 21 -23.47 8.93 -5.91
N PHE A 22 -22.54 8.95 -6.86
CA PHE A 22 -21.13 9.17 -6.56
C PHE A 22 -20.83 10.67 -6.46
N SER A 23 -20.02 11.05 -5.48
CA SER A 23 -19.56 12.44 -5.37
C SER A 23 -18.52 12.71 -6.45
N PRO A 24 -18.52 13.94 -7.02
CA PRO A 24 -17.52 14.32 -8.04
C PRO A 24 -16.14 14.55 -7.42
N SER A 25 -15.11 14.55 -8.26
CA SER A 25 -13.76 14.86 -7.82
C SER A 25 -13.74 16.18 -7.07
N LEU A 26 -13.09 16.17 -5.90
CA LEU A 26 -13.13 17.35 -5.05
C LEU A 26 -11.95 18.29 -5.37
N TRP A 27 -11.15 17.91 -6.36
CA TRP A 27 -9.89 18.59 -6.68
C TRP A 27 -9.99 19.56 -7.85
N GLY A 28 -10.98 19.38 -8.71
CA GLY A 28 -11.09 20.19 -9.91
C GLY A 28 -9.85 20.03 -10.77
N ASP A 29 -9.30 21.16 -11.20
CA ASP A 29 -8.12 21.16 -12.07
C ASP A 29 -6.87 21.69 -11.36
N GLN A 30 -6.86 21.69 -10.03
CA GLN A 30 -5.76 22.28 -9.29
C GLN A 30 -4.43 21.54 -9.51
N PHE A 31 -4.49 20.35 -10.11
CA PHE A 31 -3.28 19.57 -10.36
C PHE A 31 -2.85 19.55 -11.83
N LEU A 32 -3.67 20.12 -12.72
CA LEU A 32 -3.51 19.94 -14.16
C LEU A 32 -2.19 20.46 -14.73
N SER A 33 -1.73 21.61 -14.26
CA SER A 33 -0.48 22.16 -14.75
C SER A 33 0.45 22.48 -13.60
N PHE A 34 1.62 21.86 -13.59
CA PHE A 34 2.64 22.20 -12.62
C PHE A 34 3.97 22.49 -13.32
N SER A 35 4.43 23.72 -13.17
CA SER A 35 5.72 24.12 -13.70
C SER A 35 6.78 24.17 -12.60
N ILE A 36 7.76 23.28 -12.70
CA ILE A 36 8.81 23.17 -11.70
C ILE A 36 9.73 24.41 -11.69
N LYS A 37 9.85 25.05 -10.53
CA LYS A 37 10.83 26.12 -10.35
C LYS A 37 12.23 25.49 -10.46
N ASN A 38 12.81 25.55 -11.65
CA ASN A 38 14.01 24.78 -11.96
C ASN A 38 15.25 25.15 -11.13
N GLN A 39 15.38 26.42 -10.77
CA GLN A 39 16.55 26.85 -10.01
C GLN A 39 16.48 26.33 -8.58
N VAL A 40 15.27 26.24 -8.05
CA VAL A 40 15.05 25.70 -6.71
C VAL A 40 15.39 24.23 -6.67
N ALA A 41 14.95 23.51 -7.70
CA ALA A 41 15.23 22.07 -7.82
C ALA A 41 16.73 21.82 -7.80
N GLU A 42 17.47 22.64 -8.55
CA GLU A 42 18.91 22.47 -8.68
C GLU A 42 19.62 22.80 -7.38
N LYS A 43 19.11 23.81 -6.69
CA LYS A 43 19.68 24.23 -5.41
C LYS A 43 19.42 23.16 -4.35
N TYR A 44 18.19 22.64 -4.29
CA TYR A 44 17.88 21.55 -3.38
C TYR A 44 18.76 20.33 -3.64
N ALA A 45 18.89 19.93 -4.90
CA ALA A 45 19.65 18.72 -5.23
C ALA A 45 21.13 18.88 -4.89
N LYS A 46 21.66 20.06 -5.18
CA LYS A 46 23.06 20.36 -4.89
C LYS A 46 23.35 20.28 -3.39
N GLU A 47 22.44 20.77 -2.57
CA GLU A 47 22.64 20.68 -1.13
C GLU A 47 22.49 19.24 -0.63
N ILE A 48 21.56 18.53 -1.27
CA ILE A 48 21.24 17.16 -0.85
C ILE A 48 22.45 16.27 -1.03
N GLU A 49 23.17 16.46 -2.14
CA GLU A 49 24.39 15.71 -2.41
C GLU A 49 25.37 15.83 -1.23
N ALA A 50 25.56 17.06 -0.75
CA ALA A 50 26.45 17.29 0.38
C ALA A 50 25.89 16.62 1.62
N LEU A 51 24.60 16.86 1.89
CA LEU A 51 23.97 16.28 3.07
C LEU A 51 23.98 14.75 3.03
N LYS A 52 23.82 14.19 1.82
CA LYS A 52 23.81 12.73 1.63
C LYS A 52 25.14 12.12 2.03
N GLU A 53 26.25 12.80 1.71
CA GLU A 53 27.56 12.31 2.10
C GLU A 53 27.82 12.41 3.59
N GLN A 54 27.38 13.51 4.20
CA GLN A 54 27.50 13.64 5.65
C GLN A 54 26.74 12.51 6.33
N THR A 55 25.58 12.16 5.78
CA THR A 55 24.75 11.12 6.39
C THR A 55 25.39 9.77 6.18
N ARG A 56 25.99 9.57 5.01
CA ARG A 56 26.64 8.30 4.73
C ARG A 56 27.77 8.05 5.71
N ASN A 57 28.50 9.11 6.04
CA ASN A 57 29.60 9.02 7.00
C ASN A 57 29.14 8.81 8.45
N MET A 58 27.98 9.37 8.82
CA MET A 58 27.38 9.03 10.11
C MET A 58 27.15 7.51 10.18
N LEU A 59 26.62 6.93 9.10
CA LEU A 59 26.34 5.49 9.01
C LEU A 59 27.59 4.61 9.05
N LEU A 60 28.68 5.08 8.43
CA LEU A 60 29.91 4.31 8.36
C LEU A 60 30.84 4.61 9.52
N ALA A 61 30.36 5.34 10.51
CA ALA A 61 31.20 5.69 11.65
C ALA A 61 31.54 4.45 12.46
N THR A 62 32.84 4.19 12.62
CA THR A 62 33.31 3.01 13.34
C THR A 62 33.06 3.16 14.84
N GLY A 63 32.87 2.03 15.52
CA GLY A 63 32.80 2.03 16.97
C GLY A 63 31.57 2.67 17.60
N MET A 64 30.41 2.53 16.95
CA MET A 64 29.14 2.96 17.54
C MET A 64 28.55 1.82 18.37
N LYS A 65 27.82 2.18 19.43
CA LYS A 65 27.05 1.20 20.19
C LYS A 65 25.85 0.71 19.41
N LEU A 66 25.46 -0.52 19.70
CA LEU A 66 24.30 -1.14 19.09
C LEU A 66 23.07 -0.21 19.09
N ALA A 67 22.67 0.25 20.27
CA ALA A 67 21.48 1.07 20.41
C ALA A 67 21.58 2.37 19.59
N ASP A 68 22.77 2.95 19.53
CA ASP A 68 22.96 4.19 18.75
C ASP A 68 22.83 3.93 17.25
N THR A 69 23.39 2.80 16.81
CA THR A 69 23.34 2.40 15.41
C THR A 69 21.89 2.13 14.95
N LEU A 70 21.16 1.37 15.75
CA LEU A 70 19.80 1.03 15.44
C LEU A 70 18.93 2.29 15.44
N ASN A 71 19.16 3.19 16.37
CA ASN A 71 18.38 4.44 16.40
C ASN A 71 18.68 5.33 15.21
N LEU A 72 19.92 5.30 14.76
CA LEU A 72 20.32 6.06 13.58
C LEU A 72 19.58 5.53 12.34
N ILE A 73 19.64 4.22 12.15
CA ILE A 73 19.01 3.58 11.01
C ILE A 73 17.51 3.80 11.05
N ASP A 74 16.92 3.65 12.23
CA ASP A 74 15.48 3.85 12.37
C ASP A 74 15.07 5.27 12.01
N THR A 75 15.89 6.24 12.41
CA THR A 75 15.58 7.64 12.17
C THR A 75 15.71 7.94 10.68
N ILE A 76 16.78 7.46 10.06
CA ILE A 76 16.95 7.66 8.63
C ILE A 76 15.79 7.01 7.83
N GLU A 77 15.33 5.84 8.27
CA GLU A 77 14.18 5.20 7.64
C GLU A 77 12.88 5.99 7.84
N ARG A 78 12.59 6.40 9.07
CA ARG A 78 11.35 7.16 9.26
C ARG A 78 11.38 8.52 8.56
N LEU A 79 12.58 9.10 8.37
CA LEU A 79 12.70 10.39 7.73
C LEU A 79 12.55 10.27 6.21
N GLY A 80 12.49 9.04 5.71
CA GLY A 80 12.20 8.78 4.32
C GLY A 80 13.39 8.87 3.38
N ILE A 81 14.59 8.79 3.93
CA ILE A 81 15.79 9.02 3.13
C ILE A 81 16.68 7.80 3.10
N SER A 82 16.19 6.69 3.62
CA SER A 82 16.98 5.45 3.64
C SER A 82 17.16 4.86 2.25
N TYR A 83 16.29 5.21 1.28
CA TYR A 83 16.45 4.67 -0.08
C TYR A 83 17.77 5.15 -0.71
N HIS A 84 18.43 6.14 -0.10
CA HIS A 84 19.76 6.57 -0.53
C HIS A 84 20.88 5.66 -0.03
N PHE A 85 20.55 4.85 0.97
CA PHE A 85 21.58 4.10 1.69
C PHE A 85 21.24 2.62 1.84
N GLU A 86 20.66 2.02 0.81
CA GLU A 86 20.27 0.61 0.87
C GLU A 86 21.46 -0.30 1.18
N LYS A 87 22.57 -0.10 0.48
CA LYS A 87 23.78 -0.89 0.69
C LYS A 87 24.39 -0.74 2.11
N GLU A 88 24.47 0.49 2.62
CA GLU A 88 25.09 0.73 3.93
C GLU A 88 24.25 0.15 5.07
N ILE A 89 22.94 0.34 4.96
CA ILE A 89 22.02 -0.11 5.98
C ILE A 89 21.98 -1.63 6.00
N ASP A 90 22.02 -2.22 4.81
CA ASP A 90 21.99 -3.66 4.71
C ASP A 90 23.21 -4.27 5.36
N ASP A 91 24.38 -3.74 5.03
CA ASP A 91 25.64 -4.24 5.57
C ASP A 91 25.64 -4.18 7.09
N ILE A 92 25.12 -3.10 7.65
CA ILE A 92 25.10 -2.93 9.09
C ILE A 92 24.12 -3.90 9.78
N LEU A 93 22.91 -4.02 9.24
CA LEU A 93 21.93 -4.94 9.81
C LEU A 93 22.43 -6.39 9.69
N ASP A 94 23.04 -6.72 8.56
CA ASP A 94 23.59 -8.05 8.34
C ASP A 94 24.62 -8.37 9.42
N GLN A 95 25.50 -7.42 9.69
CA GLN A 95 26.51 -7.58 10.70
C GLN A 95 25.84 -7.80 12.06
N ILE A 96 24.86 -6.96 12.39
CA ILE A 96 24.14 -7.10 13.66
C ILE A 96 23.44 -8.47 13.78
N TYR A 97 22.84 -8.92 12.68
CA TYR A 97 22.14 -10.19 12.62
C TYR A 97 23.05 -11.36 12.93
N ASN A 98 24.26 -11.32 12.36
CA ASN A 98 25.21 -12.44 12.50
C ASN A 98 26.04 -12.40 13.78
N GLN A 99 25.99 -11.29 14.52
CA GLN A 99 26.76 -11.18 15.74
C GLN A 99 25.99 -11.76 16.94
N ASN A 100 24.67 -11.85 16.80
CA ASN A 100 23.80 -12.34 17.87
C ASN A 100 24.07 -11.64 19.20
N SER A 101 23.59 -10.41 19.30
CA SER A 101 23.77 -9.60 20.50
C SER A 101 22.50 -9.66 21.34
N ASN A 102 22.49 -10.56 22.31
CA ASN A 102 21.35 -10.71 23.20
C ASN A 102 21.73 -10.35 24.63
N CYS A 103 21.75 -9.05 24.90
CA CYS A 103 22.22 -8.54 26.18
C CYS A 103 21.66 -7.14 26.47
N ASN A 104 20.57 -6.78 25.79
CA ASN A 104 20.04 -5.42 25.85
C ASN A 104 18.66 -5.28 26.50
N ASP A 105 18.25 -4.03 26.70
CA ASP A 105 16.92 -3.74 27.26
C ASP A 105 15.82 -3.85 26.21
N LEU A 106 14.58 -3.64 26.66
CA LEU A 106 13.43 -3.92 25.81
C LEU A 106 13.41 -3.03 24.55
N CYS A 107 13.76 -1.76 24.76
CA CYS A 107 13.74 -0.76 23.71
C CYS A 107 14.67 -1.13 22.56
N THR A 108 15.93 -1.41 22.87
CA THR A 108 16.89 -1.82 21.85
C THR A 108 16.54 -3.18 21.24
N SER A 109 16.11 -4.13 22.08
CA SER A 109 15.80 -5.48 21.59
C SER A 109 14.63 -5.48 20.62
N ALA A 110 13.55 -4.81 21.00
CA ALA A 110 12.38 -4.71 20.15
C ALA A 110 12.68 -4.01 18.82
N LEU A 111 13.50 -2.95 18.87
CA LEU A 111 13.90 -2.22 17.66
C LEU A 111 14.81 -3.10 16.79
N GLN A 112 15.77 -3.77 17.41
CA GLN A 112 16.62 -4.74 16.72
C GLN A 112 15.80 -5.78 15.98
N PHE A 113 14.80 -6.31 16.67
CA PHE A 113 13.95 -7.36 16.09
C PHE A 113 13.17 -6.80 14.91
N ARG A 114 12.56 -5.62 15.09
CA ARG A 114 11.74 -5.07 14.00
C ARG A 114 12.57 -4.74 12.75
N LEU A 115 13.68 -4.02 12.93
CA LEU A 115 14.50 -3.62 11.79
C LEU A 115 15.06 -4.83 11.04
N LEU A 116 15.52 -5.84 11.76
CA LEU A 116 16.05 -7.03 11.10
C LEU A 116 14.94 -7.78 10.34
N ARG A 117 13.78 -7.97 10.98
CA ARG A 117 12.68 -8.67 10.32
C ARG A 117 12.18 -7.91 9.09
N GLN A 118 12.07 -6.58 9.19
CA GLN A 118 11.60 -5.78 8.08
C GLN A 118 12.52 -5.90 6.87
N HIS A 119 13.77 -6.23 7.14
CA HIS A 119 14.80 -6.34 6.10
C HIS A 119 15.08 -7.78 5.73
N GLY A 120 14.23 -8.70 6.22
CA GLY A 120 14.29 -10.09 5.82
C GLY A 120 15.24 -10.97 6.60
N PHE A 121 15.84 -10.44 7.67
CA PHE A 121 16.74 -11.23 8.51
C PHE A 121 15.91 -11.96 9.57
N ASN A 122 15.88 -13.29 9.49
CA ASN A 122 15.02 -14.09 10.36
C ASN A 122 15.54 -14.21 11.80
N ILE A 123 15.66 -13.07 12.49
CA ILE A 123 16.14 -13.09 13.87
C ILE A 123 15.14 -13.84 14.76
N SER A 124 15.65 -14.69 15.65
CA SER A 124 14.77 -15.46 16.52
C SER A 124 13.97 -14.59 17.47
N PRO A 125 12.68 -14.94 17.66
CA PRO A 125 11.87 -14.20 18.62
C PRO A 125 12.25 -14.51 20.08
N GLU A 126 13.20 -15.42 20.29
CA GLU A 126 13.64 -15.75 21.65
C GLU A 126 14.36 -14.58 22.30
N ILE A 127 14.71 -13.58 21.50
CA ILE A 127 15.35 -12.39 22.04
C ILE A 127 14.42 -11.75 23.10
N PHE A 128 13.13 -12.07 23.04
CA PHE A 128 12.16 -11.52 23.97
C PHE A 128 11.91 -12.36 25.22
N SER A 129 12.50 -13.54 25.31
CA SER A 129 12.25 -14.41 26.46
C SER A 129 12.61 -13.76 27.80
N LYS A 130 13.76 -13.09 27.86
CA LYS A 130 14.18 -12.42 29.10
C LYS A 130 13.16 -11.37 29.56
N PHE A 131 12.25 -10.92 28.69
CA PHE A 131 11.27 -9.92 29.13
C PHE A 131 9.94 -10.56 29.55
N GLN A 132 9.89 -11.89 29.62
CA GLN A 132 8.65 -12.58 29.95
C GLN A 132 8.76 -13.45 31.20
N ASP A 133 7.62 -13.74 31.82
CA ASP A 133 7.58 -14.65 32.97
C ASP A 133 7.58 -16.11 32.51
N GLU A 134 7.28 -17.01 33.46
CA GLU A 134 7.28 -18.45 33.20
C GLU A 134 6.20 -18.90 32.22
N ASN A 135 5.27 -18.00 31.88
CA ASN A 135 4.12 -18.36 31.05
C ASN A 135 4.13 -17.70 29.68
N GLY A 136 5.18 -16.94 29.39
CA GLY A 136 5.30 -16.28 28.10
C GLY A 136 4.48 -15.01 28.02
N LYS A 137 4.11 -14.49 29.19
CA LYS A 137 3.43 -13.21 29.29
C LYS A 137 4.45 -12.16 29.71
N PHE A 138 4.46 -11.03 29.01
CA PHE A 138 5.42 -9.97 29.30
C PHE A 138 5.33 -9.53 30.76
N LYS A 139 6.51 -9.29 31.34
CA LYS A 139 6.63 -8.86 32.73
C LYS A 139 5.99 -7.51 32.90
N GLU A 140 4.99 -7.44 33.77
CA GLU A 140 4.26 -6.20 33.94
C GLU A 140 5.13 -5.12 34.60
N SER A 141 6.27 -5.51 35.17
CA SER A 141 7.24 -4.53 35.67
C SER A 141 7.78 -3.62 34.57
N LEU A 142 7.60 -4.00 33.30
CA LEU A 142 8.06 -3.18 32.17
C LEU A 142 7.03 -2.12 31.78
N ALA A 143 5.92 -2.09 32.50
CA ALA A 143 4.82 -1.23 32.13
C ALA A 143 5.17 0.25 32.25
N SER A 144 6.25 0.58 32.97
CA SER A 144 6.63 1.98 33.17
C SER A 144 7.77 2.44 32.25
N ASP A 145 8.13 1.62 31.28
CA ASP A 145 9.21 1.90 30.33
C ASP A 145 8.59 2.28 28.99
N VAL A 146 8.22 3.55 28.81
CA VAL A 146 7.41 3.94 27.66
C VAL A 146 8.14 3.73 26.32
N LEU A 147 9.44 4.02 26.25
CA LEU A 147 10.14 3.83 24.99
C LEU A 147 10.26 2.33 24.66
N GLY A 148 10.40 1.49 25.69
CA GLY A 148 10.40 0.05 25.47
C GLY A 148 9.06 -0.43 24.92
N LEU A 149 7.98 0.03 25.53
CA LEU A 149 6.63 -0.34 25.11
C LEU A 149 6.34 0.10 23.69
N LEU A 150 6.84 1.28 23.34
CA LEU A 150 6.57 1.82 22.02
C LEU A 150 7.25 0.98 20.96
N ASN A 151 8.50 0.59 21.21
CA ASN A 151 9.20 -0.24 20.24
C ASN A 151 8.68 -1.67 20.22
N LEU A 152 8.24 -2.17 21.38
CA LEU A 152 7.61 -3.47 21.46
C LEU A 152 6.37 -3.42 20.59
N TYR A 153 5.57 -2.36 20.77
CA TYR A 153 4.34 -2.15 20.00
C TYR A 153 4.57 -2.24 18.52
N GLU A 154 5.55 -1.48 18.02
CA GLU A 154 5.83 -1.47 16.59
C GLU A 154 6.31 -2.85 16.12
N ALA A 155 7.12 -3.51 16.95
CA ALA A 155 7.65 -4.83 16.60
C ALA A 155 6.55 -5.87 16.52
N SER A 156 5.48 -5.68 17.29
CA SER A 156 4.45 -6.72 17.38
C SER A 156 3.73 -6.90 16.06
N HIS A 157 3.83 -5.91 15.18
CA HIS A 157 3.12 -5.98 13.91
C HIS A 157 3.92 -6.69 12.83
N VAL A 158 5.11 -7.15 13.18
CA VAL A 158 5.94 -7.80 12.17
C VAL A 158 6.01 -9.32 12.42
N ARG A 159 5.05 -9.86 13.17
CA ARG A 159 5.06 -11.29 13.51
C ARG A 159 4.85 -12.17 12.29
N THR A 160 5.48 -13.33 12.27
CA THR A 160 5.12 -14.44 11.38
C THR A 160 4.42 -15.53 12.20
N HIS A 161 4.13 -16.66 11.58
CA HIS A 161 3.47 -17.76 12.29
C HIS A 161 4.39 -18.47 13.27
N ALA A 162 5.69 -18.24 13.16
CA ALA A 162 6.64 -18.86 14.07
C ALA A 162 6.88 -18.01 15.33
N ASP A 163 6.10 -16.94 15.51
CA ASP A 163 6.37 -15.97 16.57
C ASP A 163 5.29 -15.85 17.63
N ASP A 164 4.69 -16.97 18.01
CA ASP A 164 3.66 -16.97 19.06
C ASP A 164 4.21 -16.54 20.43
N ILE A 165 5.54 -16.53 20.58
CA ILE A 165 6.18 -15.94 21.76
C ILE A 165 5.72 -14.49 21.94
N LEU A 166 5.38 -13.84 20.82
CA LEU A 166 4.99 -12.44 20.80
C LEU A 166 3.47 -12.22 20.78
N GLU A 167 2.70 -13.28 20.98
CA GLU A 167 1.24 -13.23 20.88
C GLU A 167 0.61 -12.15 21.78
N ASP A 168 1.27 -11.86 22.90
CA ASP A 168 0.76 -10.96 23.93
C ASP A 168 1.32 -9.53 23.77
N ALA A 169 2.32 -9.35 22.92
CA ALA A 169 3.02 -8.06 22.81
C ALA A 169 2.11 -6.90 22.42
N LEU A 170 1.15 -7.14 21.52
CA LEU A 170 0.32 -6.03 21.03
C LEU A 170 -0.60 -5.55 22.14
N ALA A 171 -1.29 -6.47 22.79
CA ALA A 171 -2.23 -6.14 23.85
C ALA A 171 -1.54 -5.49 25.05
N PHE A 172 -0.36 -6.01 25.40
CA PHE A 172 0.39 -5.55 26.57
C PHE A 172 0.89 -4.12 26.38
N SER A 173 1.57 -3.89 25.27
CA SER A 173 2.10 -2.58 24.96
C SER A 173 0.98 -1.56 24.74
N THR A 174 -0.08 -1.97 24.07
CA THR A 174 -1.22 -1.07 23.82
C THR A 174 -1.83 -0.53 25.11
N ILE A 175 -2.16 -1.42 26.04
CA ILE A 175 -2.88 -0.98 27.24
C ILE A 175 -2.02 -0.02 28.07
N HIS A 176 -0.71 -0.20 28.03
CA HIS A 176 0.14 0.58 28.91
C HIS A 176 0.57 1.87 28.20
N LEU A 177 0.69 1.84 26.87
CA LEU A 177 0.89 3.09 26.13
C LEU A 177 -0.32 3.99 26.27
N GLU A 178 -1.52 3.42 26.18
CA GLU A 178 -2.75 4.20 26.33
C GLU A 178 -2.77 4.87 27.69
N SER A 179 -2.32 4.15 28.70
CA SER A 179 -2.33 4.61 30.07
C SER A 179 -1.30 5.74 30.29
N ALA A 180 -0.16 5.63 29.62
CA ALA A 180 0.93 6.58 29.83
C ALA A 180 0.72 7.86 29.01
N ALA A 181 0.16 7.73 27.80
CA ALA A 181 0.17 8.83 26.82
C ALA A 181 -0.23 10.21 27.35
N PRO A 182 -1.34 10.33 28.10
CA PRO A 182 -1.77 11.69 28.47
C PRO A 182 -0.74 12.52 29.25
N HIS A 183 0.27 11.88 29.83
CA HIS A 183 1.22 12.61 30.66
C HIS A 183 2.63 12.66 30.08
N LEU A 184 2.80 12.15 28.87
CA LEU A 184 4.11 12.19 28.23
C LEU A 184 4.47 13.60 27.73
N LYS A 185 5.77 13.91 27.68
CA LYS A 185 6.22 15.17 27.10
C LYS A 185 6.02 15.09 25.59
N SER A 186 6.10 16.24 24.92
CA SER A 186 5.97 16.33 23.46
C SER A 186 7.35 16.44 22.83
N PRO A 187 7.56 15.88 21.63
CA PRO A 187 6.56 15.24 20.76
C PRO A 187 6.34 13.75 21.04
N LEU A 188 6.91 13.23 22.11
CA LEU A 188 6.77 11.80 22.39
C LEU A 188 5.30 11.42 22.49
N ARG A 189 4.50 12.23 23.16
CA ARG A 189 3.07 11.95 23.34
C ARG A 189 2.37 11.80 21.99
N GLU A 190 2.66 12.72 21.08
CA GLU A 190 2.05 12.74 19.75
C GLU A 190 2.50 11.52 18.96
N GLN A 191 3.74 11.11 19.17
CA GLN A 191 4.25 9.93 18.48
C GLN A 191 3.57 8.65 19.01
N VAL A 192 3.35 8.56 20.32
CA VAL A 192 2.68 7.40 20.89
C VAL A 192 1.21 7.33 20.45
N THR A 193 0.52 8.46 20.57
CA THR A 193 -0.85 8.58 20.11
C THR A 193 -1.03 8.22 18.63
N HIS A 194 -0.10 8.68 17.81
CA HIS A 194 -0.12 8.36 16.39
C HIS A 194 0.11 6.87 16.16
N ALA A 195 1.09 6.30 16.87
CA ALA A 195 1.40 4.88 16.74
C ALA A 195 0.19 4.00 17.06
N LEU A 196 -0.57 4.36 18.09
CA LEU A 196 -1.75 3.60 18.48
C LEU A 196 -2.86 3.62 17.42
N GLU A 197 -2.92 4.69 16.62
CA GLU A 197 -3.89 4.75 15.52
C GLU A 197 -3.35 4.08 14.25
N GLN A 198 -2.04 4.19 14.03
CA GLN A 198 -1.39 3.73 12.80
C GLN A 198 0.02 3.24 13.08
N CYS A 199 0.21 1.93 13.17
CA CYS A 199 1.55 1.40 13.39
C CYS A 199 2.41 1.70 12.17
N LEU A 200 3.71 1.74 12.38
CA LEU A 200 4.65 2.06 11.31
C LEU A 200 4.67 1.00 10.20
N HIS A 201 4.78 -0.28 10.58
CA HIS A 201 4.95 -1.33 9.59
C HIS A 201 3.81 -1.44 8.55
N LYS A 202 2.60 -1.04 8.93
CA LYS A 202 1.43 -1.22 8.05
C LYS A 202 0.94 0.10 7.45
N GLY A 203 1.71 1.16 7.64
CA GLY A 203 1.36 2.46 7.10
C GLY A 203 1.96 2.69 5.72
N VAL A 204 1.43 3.66 4.98
CA VAL A 204 2.02 4.03 3.70
C VAL A 204 3.29 4.85 4.00
N PRO A 205 4.43 4.44 3.42
CA PRO A 205 5.71 5.08 3.74
C PRO A 205 5.72 6.61 3.59
N ARG A 206 5.32 7.19 2.45
CA ARG A 206 5.32 8.66 2.33
C ARG A 206 4.46 9.32 3.39
N VAL A 207 3.37 8.65 3.76
CA VAL A 207 2.43 9.18 4.75
C VAL A 207 3.06 9.22 6.13
N GLU A 208 3.70 8.13 6.52
CA GLU A 208 4.35 8.08 7.82
C GLU A 208 5.54 9.03 7.88
N THR A 209 6.30 9.06 6.79
CA THR A 209 7.43 9.97 6.65
C THR A 209 7.01 11.44 6.83
N ARG A 210 5.93 11.83 6.18
CA ARG A 210 5.45 13.21 6.26
C ARG A 210 5.09 13.57 7.69
N PHE A 211 4.33 12.71 8.36
CA PHE A 211 4.02 12.89 9.77
C PHE A 211 5.31 12.95 10.62
N PHE A 212 6.23 12.02 10.39
CA PHE A 212 7.40 11.94 11.28
C PHE A 212 8.25 13.21 11.15
N ILE A 213 8.57 13.59 9.91
CA ILE A 213 9.38 14.76 9.68
C ILE A 213 8.78 16.00 10.32
N SER A 214 7.50 16.25 10.08
CA SER A 214 6.88 17.51 10.50
C SER A 214 6.33 17.52 11.93
N SER A 215 5.68 16.45 12.33
CA SER A 215 5.02 16.45 13.63
C SER A 215 5.94 15.97 14.75
N ILE A 216 6.94 15.16 14.42
CA ILE A 216 7.80 14.61 15.47
C ILE A 216 9.24 15.09 15.44
N TYR A 217 10.00 14.72 14.40
CA TYR A 217 11.44 14.95 14.41
C TYR A 217 11.77 16.44 14.45
N ASP A 218 10.98 17.22 13.73
CA ASP A 218 11.17 18.66 13.71
C ASP A 218 10.98 19.26 15.10
N LYS A 219 10.26 18.55 15.97
CA LYS A 219 9.95 19.09 17.28
C LYS A 219 10.76 18.42 18.38
N GLU A 220 11.68 17.53 17.99
CA GLU A 220 12.54 16.84 18.96
C GLU A 220 13.63 17.76 19.48
N GLN A 221 13.86 17.75 20.78
CA GLN A 221 14.96 18.56 21.34
C GLN A 221 16.31 18.04 20.86
N SER A 222 16.39 16.72 20.70
CA SER A 222 17.63 16.02 20.42
C SER A 222 17.95 15.85 18.93
N LYS A 223 17.05 16.34 18.08
CA LYS A 223 17.10 16.05 16.65
C LYS A 223 18.47 16.36 16.08
N ASN A 224 18.87 15.60 15.07
CA ASN A 224 20.09 15.91 14.34
C ASN A 224 19.74 16.86 13.20
N ASN A 225 20.39 18.03 13.18
CA ASN A 225 19.99 19.09 12.27
C ASN A 225 20.29 18.76 10.83
N VAL A 226 21.39 18.05 10.64
CA VAL A 226 21.78 17.58 9.33
C VAL A 226 20.70 16.63 8.75
N LEU A 227 20.24 15.66 9.54
CA LEU A 227 19.29 14.68 9.03
C LEU A 227 17.95 15.33 8.75
N LEU A 228 17.54 16.22 9.64
CA LEU A 228 16.26 16.92 9.48
C LEU A 228 16.25 17.77 8.20
N ARG A 229 17.35 18.49 7.95
CA ARG A 229 17.38 19.36 6.78
C ARG A 229 17.38 18.52 5.53
N PHE A 230 18.17 17.45 5.55
CA PHE A 230 18.21 16.44 4.49
C PHE A 230 16.79 15.94 4.20
N ALA A 231 16.09 15.54 5.25
CA ALA A 231 14.79 14.91 5.09
C ALA A 231 13.76 15.87 4.49
N LYS A 232 13.81 17.13 4.90
CA LYS A 232 12.87 18.13 4.40
C LYS A 232 13.14 18.46 2.93
N LEU A 233 14.39 18.75 2.60
CA LEU A 233 14.75 19.03 1.22
C LEU A 233 14.40 17.87 0.28
N ASP A 234 14.71 16.65 0.71
CA ASP A 234 14.49 15.47 -0.12
C ASP A 234 13.01 15.22 -0.34
N PHE A 235 12.21 15.32 0.73
CA PHE A 235 10.77 15.20 0.60
C PHE A 235 10.21 16.23 -0.38
N ASN A 236 10.56 17.51 -0.22
CA ASN A 236 10.03 18.54 -1.10
C ASN A 236 10.51 18.41 -2.54
N LEU A 237 11.71 17.88 -2.74
CA LEU A 237 12.24 17.68 -4.07
C LEU A 237 11.51 16.52 -4.77
N LEU A 238 11.31 15.41 -4.06
CA LEU A 238 10.55 14.30 -4.63
C LEU A 238 9.12 14.73 -4.92
N GLN A 239 8.54 15.52 -4.03
CA GLN A 239 7.20 16.05 -4.23
C GLN A 239 7.04 16.82 -5.55
N MET A 240 8.09 17.51 -5.99
CA MET A 240 8.04 18.26 -7.25
C MET A 240 7.91 17.28 -8.41
N LEU A 241 8.63 16.18 -8.33
CA LEU A 241 8.51 15.12 -9.32
C LEU A 241 7.09 14.53 -9.29
N HIS A 242 6.57 14.28 -8.10
CA HIS A 242 5.25 13.67 -7.97
C HIS A 242 4.20 14.56 -8.57
N LYS A 243 4.36 15.86 -8.38
CA LYS A 243 3.42 16.83 -8.92
C LYS A 243 3.49 16.91 -10.45
N GLN A 244 4.69 16.77 -11.02
CA GLN A 244 4.85 16.72 -12.47
C GLN A 244 4.14 15.48 -13.02
N GLU A 245 4.35 14.35 -12.34
CA GLU A 245 3.72 13.11 -12.73
C GLU A 245 2.20 13.25 -12.68
N LEU A 246 1.68 13.79 -11.59
CA LEU A 246 0.23 13.97 -11.46
C LEU A 246 -0.33 14.95 -12.51
N ALA A 247 0.46 15.95 -12.89
CA ALA A 247 0.03 16.87 -13.92
C ALA A 247 -0.08 16.16 -15.27
N GLN A 248 0.95 15.38 -15.58
CA GLN A 248 1.03 14.63 -16.82
C GLN A 248 -0.14 13.63 -16.89
N VAL A 249 -0.41 12.96 -15.77
CA VAL A 249 -1.52 12.00 -15.65
C VAL A 249 -2.90 12.69 -15.64
N SER A 250 -3.00 13.85 -14.98
CA SER A 250 -4.26 14.63 -15.00
C SER A 250 -4.60 15.10 -16.41
N ARG A 251 -3.58 15.42 -17.19
CA ARG A 251 -3.75 15.88 -18.57
C ARG A 251 -4.20 14.71 -19.45
N TRP A 252 -3.62 13.54 -19.21
CA TRP A 252 -4.01 12.33 -19.92
C TRP A 252 -5.47 11.95 -19.65
N TRP A 253 -5.89 12.09 -18.40
CA TRP A 253 -7.24 11.76 -17.98
C TRP A 253 -8.25 12.74 -18.55
N LYS A 254 -7.83 13.99 -18.64
CA LYS A 254 -8.65 15.07 -19.16
C LYS A 254 -8.92 14.89 -20.65
N ASP A 255 -7.88 14.51 -21.39
CA ASP A 255 -7.99 14.32 -22.84
C ASP A 255 -8.64 12.98 -23.17
N LEU A 256 -9.05 12.24 -22.15
CA LEU A 256 -9.89 11.07 -22.34
C LEU A 256 -11.36 11.46 -22.19
N ASP A 257 -11.61 12.39 -21.27
CA ASP A 257 -12.92 13.01 -21.03
C ASP A 257 -14.03 12.01 -20.65
N PHE A 258 -13.69 11.01 -19.86
CA PHE A 258 -14.68 10.11 -19.30
C PHE A 258 -15.60 10.83 -18.31
N VAL A 259 -15.13 11.97 -17.83
CA VAL A 259 -15.89 12.77 -16.87
C VAL A 259 -17.26 13.12 -17.43
N THR A 260 -17.33 13.34 -18.74
CA THR A 260 -18.59 13.70 -19.39
C THR A 260 -19.17 12.54 -20.21
N THR A 261 -18.35 11.84 -20.99
CA THR A 261 -18.87 10.78 -21.87
C THR A 261 -19.20 9.49 -21.13
N LEU A 262 -18.56 9.25 -20.01
CA LEU A 262 -18.89 8.09 -19.16
C LEU A 262 -19.25 8.56 -17.75
N PRO A 263 -20.35 9.31 -17.62
CA PRO A 263 -20.65 10.06 -16.39
C PRO A 263 -21.07 9.19 -15.22
N TYR A 264 -21.35 7.91 -15.48
CA TYR A 264 -21.74 7.00 -14.40
C TYR A 264 -20.56 6.62 -13.51
N ALA A 265 -19.34 6.93 -13.98
CA ALA A 265 -18.14 6.40 -13.31
C ALA A 265 -17.50 7.39 -12.33
N ARG A 266 -16.91 6.83 -11.29
CA ARG A 266 -16.14 7.60 -10.31
C ARG A 266 -14.96 8.34 -10.94
N ASP A 267 -14.94 9.66 -10.75
CA ASP A 267 -13.83 10.51 -11.18
C ASP A 267 -12.76 10.63 -10.08
N ARG A 268 -11.80 9.70 -10.07
CA ARG A 268 -10.87 9.54 -8.95
C ARG A 268 -9.41 9.36 -9.36
N VAL A 269 -8.96 10.11 -10.38
CA VAL A 269 -7.60 9.91 -10.88
C VAL A 269 -6.55 10.38 -9.87
N VAL A 270 -6.90 11.34 -9.01
CA VAL A 270 -5.96 11.79 -7.99
C VAL A 270 -5.77 10.71 -6.92
N GLU A 271 -6.88 10.12 -6.47
CA GLU A 271 -6.84 9.01 -5.51
C GLU A 271 -6.07 7.85 -6.10
N CYS A 272 -6.25 7.63 -7.41
CA CYS A 272 -5.50 6.59 -8.12
C CYS A 272 -4.03 6.88 -8.11
N TYR A 273 -3.67 8.16 -8.23
CA TYR A 273 -2.26 8.51 -8.20
C TYR A 273 -1.69 8.28 -6.81
N PHE A 274 -2.45 8.67 -5.78
CA PHE A 274 -2.06 8.43 -4.39
C PHE A 274 -1.76 6.93 -4.18
N TRP A 275 -2.59 6.08 -4.76
CA TRP A 275 -2.38 4.64 -4.64
CA TRP A 275 -2.41 4.62 -4.70
C TRP A 275 -1.07 4.20 -5.31
N ALA A 276 -0.83 4.68 -6.52
CA ALA A 276 0.42 4.35 -7.20
C ALA A 276 1.63 4.88 -6.43
N LEU A 277 1.48 6.06 -5.82
CA LEU A 277 2.53 6.66 -5.00
C LEU A 277 2.80 5.82 -3.74
N GLY A 278 1.75 5.20 -3.22
CA GLY A 278 1.88 4.27 -2.11
C GLY A 278 2.72 3.06 -2.46
N VAL A 279 2.57 2.56 -3.68
CA VAL A 279 3.29 1.37 -4.14
C VAL A 279 4.79 1.63 -4.25
N TYR A 280 5.17 2.82 -4.73
CA TYR A 280 6.56 3.23 -4.72
C TYR A 280 6.65 4.74 -4.94
N PHE A 281 7.52 5.41 -4.19
CA PHE A 281 7.65 6.87 -4.27
C PHE A 281 8.97 7.32 -4.87
N GLU A 282 9.92 6.41 -5.01
CA GLU A 282 11.27 6.79 -5.41
C GLU A 282 11.34 7.25 -6.89
N PRO A 283 12.29 8.15 -7.20
CA PRO A 283 12.39 8.71 -8.55
C PRO A 283 12.64 7.67 -9.63
N GLN A 284 13.33 6.58 -9.31
CA GLN A 284 13.66 5.58 -10.32
C GLN A 284 12.42 4.81 -10.79
N TYR A 285 11.31 4.95 -10.07
CA TYR A 285 10.05 4.28 -10.40
C TYR A 285 9.03 5.24 -11.00
N SER A 286 9.50 6.37 -11.52
CA SER A 286 8.63 7.38 -12.09
C SER A 286 7.80 6.82 -13.26
N GLN A 287 8.47 6.22 -14.23
CA GLN A 287 7.78 5.60 -15.35
C GLN A 287 6.79 4.53 -14.86
N ALA A 288 7.22 3.76 -13.86
CA ALA A 288 6.38 2.70 -13.30
C ALA A 288 5.10 3.23 -12.67
N ARG A 289 5.22 4.32 -11.92
CA ARG A 289 4.08 4.96 -11.25
C ARG A 289 3.06 5.46 -12.25
N VAL A 290 3.56 6.09 -13.30
CA VAL A 290 2.71 6.70 -14.30
C VAL A 290 1.92 5.62 -15.03
N MET A 291 2.61 4.54 -15.41
CA MET A 291 1.93 3.38 -16.01
C MET A 291 0.89 2.80 -15.06
N LEU A 292 1.26 2.67 -13.79
CA LEU A 292 0.37 2.01 -12.84
C LEU A 292 -0.90 2.82 -12.61
N VAL A 293 -0.78 4.13 -12.42
CA VAL A 293 -1.95 4.94 -12.11
C VAL A 293 -2.96 4.92 -13.27
N LYS A 294 -2.46 4.83 -14.49
CA LYS A 294 -3.33 4.77 -15.67
C LYS A 294 -4.16 3.49 -15.65
N THR A 295 -3.52 2.39 -15.25
CA THR A 295 -4.19 1.11 -15.15
C THR A 295 -5.26 1.12 -14.04
N ILE A 296 -4.90 1.64 -12.86
CA ILE A 296 -5.85 1.73 -11.76
C ILE A 296 -7.06 2.58 -12.16
N SER A 297 -6.77 3.71 -12.79
CA SER A 297 -7.80 4.62 -13.29
C SER A 297 -8.78 3.93 -14.21
N MET A 298 -8.23 3.13 -15.11
CA MET A 298 -9.01 2.52 -16.16
C MET A 298 -9.84 1.33 -15.66
N ILE A 299 -9.26 0.51 -14.77
CA ILE A 299 -10.02 -0.62 -14.24
C ILE A 299 -11.10 -0.11 -13.27
N SER A 300 -10.92 1.10 -12.77
CA SER A 300 -11.96 1.73 -11.99
C SER A 300 -13.19 1.99 -12.86
N ILE A 301 -12.95 2.39 -14.10
CA ILE A 301 -14.02 2.66 -15.06
C ILE A 301 -14.78 1.39 -15.39
N VAL A 302 -14.03 0.31 -15.58
CA VAL A 302 -14.61 -0.97 -15.91
C VAL A 302 -15.47 -1.46 -14.76
N ASP A 303 -14.96 -1.36 -13.53
CA ASP A 303 -15.72 -1.80 -12.37
C ASP A 303 -17.06 -1.06 -12.25
N ASP A 304 -17.06 0.24 -12.50
CA ASP A 304 -18.28 1.01 -12.36
C ASP A 304 -19.31 0.65 -13.45
N THR A 305 -18.81 0.21 -14.60
CA THR A 305 -19.65 -0.24 -15.71
C THR A 305 -20.38 -1.52 -15.35
N PHE A 306 -19.67 -2.45 -14.71
CA PHE A 306 -20.30 -3.67 -14.24
C PHE A 306 -21.25 -3.40 -13.08
N ASP A 307 -20.86 -2.50 -12.20
CA ASP A 307 -21.53 -2.33 -10.92
C ASP A 307 -22.68 -1.31 -10.93
N ALA A 308 -22.62 -0.34 -11.83
CA ALA A 308 -23.56 0.78 -11.73
C ALA A 308 -24.09 1.29 -13.06
N TYR A 309 -24.02 0.51 -14.12
CA TYR A 309 -24.57 0.99 -15.39
C TYR A 309 -25.00 -0.10 -16.36
N GLY A 310 -24.09 -1.03 -16.67
CA GLY A 310 -24.34 -2.03 -17.68
C GLY A 310 -25.39 -3.06 -17.34
N THR A 311 -26.20 -3.43 -18.34
CA THR A 311 -27.16 -4.52 -18.24
C THR A 311 -26.46 -5.87 -18.46
N VAL A 312 -27.08 -6.97 -18.01
CA VAL A 312 -26.36 -8.26 -18.00
C VAL A 312 -26.00 -8.70 -19.42
N LYS A 313 -26.86 -8.35 -20.38
CA LYS A 313 -26.57 -8.62 -21.79
C LYS A 313 -25.34 -7.79 -22.24
N GLU A 314 -25.33 -6.51 -21.91
CA GLU A 314 -24.18 -5.64 -22.21
C GLU A 314 -22.89 -6.12 -21.55
N LEU A 315 -22.99 -6.59 -20.31
CA LEU A 315 -21.79 -6.99 -19.60
C LEU A 315 -21.22 -8.27 -20.21
N GLU A 316 -22.09 -9.11 -20.77
CA GLU A 316 -21.65 -10.32 -21.46
C GLU A 316 -20.75 -10.01 -22.66
N ALA A 317 -21.24 -9.16 -23.56
CA ALA A 317 -20.48 -8.77 -24.74
C ALA A 317 -19.17 -8.07 -24.37
N TYR A 318 -19.23 -7.20 -23.38
CA TYR A 318 -18.03 -6.54 -22.89
C TYR A 318 -16.98 -7.57 -22.43
N THR A 319 -17.40 -8.52 -21.61
CA THR A 319 -16.49 -9.57 -21.13
C THR A 319 -15.87 -10.38 -22.28
N ASP A 320 -16.69 -10.78 -23.25
CA ASP A 320 -16.16 -11.54 -24.37
C ASP A 320 -15.21 -10.71 -25.25
N ALA A 321 -15.56 -9.45 -25.50
CA ALA A 321 -14.68 -8.55 -26.22
C ALA A 321 -13.31 -8.48 -25.57
N ILE A 322 -13.28 -8.42 -24.24
CA ILE A 322 -12.03 -8.33 -23.49
C ILE A 322 -11.19 -9.61 -23.65
N GLN A 323 -11.84 -10.78 -23.61
CA GLN A 323 -11.11 -12.04 -23.80
C GLN A 323 -10.48 -12.12 -25.19
N ARG A 324 -11.21 -11.66 -26.21
CA ARG A 324 -10.70 -11.71 -27.58
C ARG A 324 -9.67 -10.60 -27.86
N TRP A 325 -9.86 -9.45 -27.23
CA TRP A 325 -8.86 -8.39 -27.24
C TRP A 325 -8.44 -8.04 -28.66
N ASP A 326 -9.38 -7.46 -29.39
CA ASP A 326 -9.19 -7.16 -30.80
C ASP A 326 -10.06 -5.96 -31.12
N ILE A 327 -9.49 -4.95 -31.76
CA ILE A 327 -10.28 -3.76 -32.04
C ILE A 327 -11.47 -4.10 -32.97
N ASN A 328 -11.37 -5.17 -33.75
CA ASN A 328 -12.47 -5.68 -34.59
C ASN A 328 -13.80 -5.82 -33.83
N GLU A 329 -13.70 -5.99 -32.52
CA GLU A 329 -14.80 -6.42 -31.68
C GLU A 329 -15.68 -5.27 -31.18
N ILE A 330 -15.25 -4.03 -31.40
CA ILE A 330 -15.96 -2.85 -30.86
C ILE A 330 -17.44 -2.77 -31.23
N ASP A 331 -17.80 -3.16 -32.45
CA ASP A 331 -19.15 -2.94 -32.98
C ASP A 331 -20.20 -3.87 -32.37
N ARG A 332 -19.75 -4.90 -31.66
CA ARG A 332 -20.62 -5.77 -30.89
C ARG A 332 -21.03 -5.12 -29.57
N LEU A 333 -20.47 -3.95 -29.28
CA LEU A 333 -20.69 -3.26 -28.01
C LEU A 333 -21.52 -2.00 -28.20
N PRO A 334 -22.36 -1.66 -27.21
CA PRO A 334 -23.05 -0.37 -27.22
C PRO A 334 -22.06 0.78 -27.27
N ASP A 335 -22.48 1.91 -27.80
CA ASP A 335 -21.59 3.03 -28.06
C ASP A 335 -20.78 3.47 -26.84
N TYR A 336 -21.38 3.35 -25.66
CA TYR A 336 -20.74 3.86 -24.46
C TYR A 336 -19.65 2.89 -23.97
N MET A 337 -19.78 1.62 -24.36
CA MET A 337 -18.76 0.63 -24.01
C MET A 337 -17.63 0.64 -25.04
N LYS A 338 -17.92 1.12 -26.25
CA LYS A 338 -16.89 1.31 -27.27
C LYS A 338 -15.83 2.30 -26.78
N ILE A 339 -16.27 3.30 -26.01
CA ILE A 339 -15.39 4.33 -25.51
C ILE A 339 -14.30 3.73 -24.61
N SER A 340 -14.72 3.00 -23.59
CA SER A 340 -13.77 2.44 -22.65
C SER A 340 -12.95 1.31 -23.30
N TYR A 341 -13.58 0.52 -24.16
CA TYR A 341 -12.90 -0.62 -24.76
C TYR A 341 -11.72 -0.18 -25.63
N LYS A 342 -11.92 0.86 -26.44
CA LYS A 342 -10.82 1.39 -27.27
C LYS A 342 -9.76 2.05 -26.41
N ALA A 343 -10.18 2.79 -25.39
CA ALA A 343 -9.22 3.40 -24.49
C ALA A 343 -8.35 2.30 -23.85
N ILE A 344 -8.97 1.18 -23.48
CA ILE A 344 -8.23 0.08 -22.85
C ILE A 344 -7.21 -0.49 -23.82
N LEU A 345 -7.65 -0.82 -25.03
CA LEU A 345 -6.75 -1.40 -26.02
C LEU A 345 -5.60 -0.43 -26.36
N ASP A 346 -5.93 0.86 -26.49
CA ASP A 346 -4.93 1.90 -26.77
C ASP A 346 -3.90 2.05 -25.67
N LEU A 347 -4.34 1.93 -24.42
CA LEU A 347 -3.44 2.07 -23.27
C LEU A 347 -2.33 1.03 -23.35
N TYR A 348 -2.70 -0.20 -23.72
CA TYR A 348 -1.70 -1.26 -23.76
C TYR A 348 -0.77 -1.12 -24.95
N LYS A 349 -1.29 -0.60 -26.06
CA LYS A 349 -0.43 -0.22 -27.19
C LYS A 349 0.55 0.90 -26.80
N ASP A 350 0.12 1.85 -25.95
CA ASP A 350 1.02 2.87 -25.42
C ASP A 350 2.14 2.27 -24.59
N TYR A 351 1.77 1.34 -23.70
CA TYR A 351 2.74 0.67 -22.84
C TYR A 351 3.80 -0.03 -23.68
N GLU A 352 3.36 -0.73 -24.72
CA GLU A 352 4.27 -1.42 -25.63
C GLU A 352 5.26 -0.45 -26.28
N LYS A 353 4.77 0.73 -26.68
CA LYS A 353 5.63 1.75 -27.28
C LYS A 353 6.65 2.32 -26.26
N GLU A 354 6.20 2.58 -25.04
CA GLU A 354 7.05 3.06 -23.95
C GLU A 354 8.23 2.15 -23.62
N LEU A 355 8.01 0.85 -23.75
CA LEU A 355 8.98 -0.16 -23.34
C LEU A 355 9.83 -0.63 -24.52
N SER A 356 9.60 -0.03 -25.68
CA SER A 356 10.21 -0.53 -26.91
C SER A 356 11.72 -0.31 -26.94
N SER A 357 12.14 0.88 -26.53
CA SER A 357 13.56 1.24 -26.54
C SER A 357 14.41 0.34 -25.65
N ALA A 358 13.80 -0.21 -24.61
CA ALA A 358 14.52 -1.12 -23.71
C ALA A 358 14.23 -2.58 -24.06
N GLY A 359 13.55 -2.81 -25.17
CA GLY A 359 13.26 -4.16 -25.63
C GLY A 359 12.38 -4.99 -24.69
N ARG A 360 11.65 -4.30 -23.81
CA ARG A 360 10.79 -4.96 -22.83
C ARG A 360 9.30 -4.88 -23.19
N SER A 361 8.96 -4.80 -24.48
CA SER A 361 7.56 -4.68 -24.88
C SER A 361 6.75 -5.94 -24.60
N HIS A 362 7.37 -7.09 -24.83
CA HIS A 362 6.70 -8.38 -24.71
C HIS A 362 6.10 -8.67 -23.32
N ILE A 363 6.53 -7.93 -22.30
CA ILE A 363 6.09 -8.24 -20.94
C ILE A 363 4.69 -7.70 -20.67
N VAL A 364 4.21 -6.85 -21.56
CA VAL A 364 2.89 -6.25 -21.39
C VAL A 364 1.79 -7.31 -21.38
N CYS A 365 2.01 -8.41 -22.10
CA CYS A 365 1.02 -9.49 -22.16
C CYS A 365 0.66 -10.09 -20.78
N HIS A 366 1.57 -10.00 -19.81
CA HIS A 366 1.28 -10.51 -18.46
C HIS A 366 0.20 -9.69 -17.78
N ALA A 367 0.28 -8.38 -17.85
CA ALA A 367 -0.75 -7.52 -17.27
C ALA A 367 -2.09 -7.71 -18.01
N ILE A 368 -2.01 -7.88 -19.33
CA ILE A 368 -3.21 -8.08 -20.13
C ILE A 368 -3.98 -9.34 -19.72
N GLU A 369 -3.27 -10.44 -19.55
CA GLU A 369 -3.92 -11.69 -19.14
C GLU A 369 -4.58 -11.54 -17.77
N ARG A 370 -3.97 -10.75 -16.89
CA ARG A 370 -4.51 -10.54 -15.55
C ARG A 370 -5.73 -9.63 -15.62
N MET A 371 -5.79 -8.78 -16.63
CA MET A 371 -6.96 -7.93 -16.75
C MET A 371 -8.15 -8.74 -17.23
N LYS A 372 -7.92 -9.61 -18.21
CA LYS A 372 -8.94 -10.53 -18.69
C LYS A 372 -9.54 -11.32 -17.53
N GLU A 373 -8.69 -11.79 -16.61
CA GLU A 373 -9.14 -12.52 -15.42
C GLU A 373 -10.06 -11.68 -14.53
N VAL A 374 -9.65 -10.46 -14.24
CA VAL A 374 -10.47 -9.53 -13.45
C VAL A 374 -11.85 -9.36 -14.05
N VAL A 375 -11.89 -9.18 -15.38
CA VAL A 375 -13.14 -8.88 -16.06
C VAL A 375 -14.05 -10.12 -16.08
N ARG A 376 -13.48 -11.30 -16.32
CA ARG A 376 -14.24 -12.56 -16.21
C ARG A 376 -14.97 -12.65 -14.87
N ASN A 377 -14.25 -12.31 -13.80
CA ASN A 377 -14.80 -12.42 -12.46
C ASN A 377 -15.76 -11.28 -12.10
N TYR A 378 -15.57 -10.11 -12.70
CA TYR A 378 -16.60 -9.07 -12.64
C TYR A 378 -17.91 -9.61 -13.20
N ASN A 379 -17.82 -10.29 -14.33
CA ASN A 379 -19.02 -10.74 -15.01
C ASN A 379 -19.71 -11.87 -14.23
N VAL A 380 -18.91 -12.72 -13.59
CA VAL A 380 -19.45 -13.75 -12.72
C VAL A 380 -20.20 -13.11 -11.55
N GLU A 381 -19.57 -12.11 -10.94
CA GLU A 381 -20.12 -11.42 -9.78
C GLU A 381 -21.44 -10.74 -10.10
N SER A 382 -21.53 -10.16 -11.29
CA SER A 382 -22.77 -9.60 -11.78
C SER A 382 -23.82 -10.70 -12.01
N THR A 383 -23.41 -11.84 -12.56
CA THR A 383 -24.35 -12.95 -12.73
C THR A 383 -24.92 -13.36 -11.39
N TRP A 384 -24.06 -13.51 -10.39
CA TRP A 384 -24.50 -13.84 -9.03
C TRP A 384 -25.54 -12.87 -8.48
N PHE A 385 -25.30 -11.57 -8.65
CA PHE A 385 -26.23 -10.52 -8.21
C PHE A 385 -27.59 -10.63 -8.88
N ILE A 386 -27.61 -10.81 -10.19
CA ILE A 386 -28.85 -10.97 -10.94
C ILE A 386 -29.66 -12.21 -10.51
N GLU A 387 -28.95 -13.25 -10.06
CA GLU A 387 -29.61 -14.51 -9.73
C GLU A 387 -30.01 -14.60 -8.26
N GLY A 388 -29.50 -13.66 -7.46
CA GLY A 388 -29.73 -13.70 -6.03
C GLY A 388 -28.98 -14.86 -5.37
N TYR A 389 -27.76 -15.10 -5.84
CA TYR A 389 -27.01 -16.27 -5.40
C TYR A 389 -26.05 -15.93 -4.26
N THR A 390 -26.15 -16.70 -3.18
CA THR A 390 -25.21 -16.62 -2.05
C THR A 390 -24.33 -17.86 -2.01
N PRO A 391 -23.17 -17.81 -2.65
CA PRO A 391 -22.25 -18.96 -2.69
C PRO A 391 -21.64 -19.30 -1.32
N PRO A 392 -21.08 -20.51 -1.17
CA PRO A 392 -20.23 -20.85 -0.03
C PRO A 392 -18.98 -19.95 0.01
N VAL A 393 -18.38 -19.74 1.17
CA VAL A 393 -17.26 -18.80 1.27
C VAL A 393 -16.10 -19.20 0.35
N SER A 394 -15.83 -20.49 0.27
CA SER A 394 -14.77 -20.99 -0.60
C SER A 394 -15.05 -20.60 -2.07
N GLU A 395 -16.26 -20.87 -2.55
CA GLU A 395 -16.64 -20.47 -3.90
C GLU A 395 -16.62 -18.95 -4.04
N TYR A 396 -17.17 -18.22 -3.06
CA TYR A 396 -17.14 -16.76 -3.12
C TYR A 396 -15.73 -16.21 -3.32
N LEU A 397 -14.77 -16.77 -2.58
CA LEU A 397 -13.40 -16.28 -2.63
C LEU A 397 -12.73 -16.66 -3.94
N SER A 398 -13.04 -17.85 -4.47
CA SER A 398 -12.42 -18.25 -5.73
C SER A 398 -12.69 -17.23 -6.85
N ASN A 399 -13.80 -16.51 -6.73
CA ASN A 399 -14.10 -15.46 -7.69
C ASN A 399 -13.71 -14.07 -7.21
N ALA A 400 -14.01 -13.75 -5.95
CA ALA A 400 -13.85 -12.40 -5.44
C ALA A 400 -12.43 -11.98 -5.11
N LEU A 401 -11.47 -12.91 -5.06
CA LEU A 401 -10.10 -12.49 -4.79
C LEU A 401 -9.57 -11.67 -5.98
N ALA A 402 -9.81 -12.15 -7.20
CA ALA A 402 -9.33 -11.45 -8.38
C ALA A 402 -10.03 -10.11 -8.57
N THR A 403 -11.31 -10.00 -8.17
CA THR A 403 -12.03 -8.74 -8.32
C THR A 403 -11.52 -7.60 -7.40
N THR A 404 -10.60 -7.92 -6.49
CA THR A 404 -9.88 -6.88 -5.73
C THR A 404 -9.06 -6.04 -6.70
N THR A 405 -8.73 -6.67 -7.84
CA THR A 405 -7.78 -6.22 -8.86
C THR A 405 -6.33 -6.33 -8.40
N TYR A 406 -6.07 -6.90 -7.23
CA TYR A 406 -4.71 -6.84 -6.70
C TYR A 406 -3.72 -7.76 -7.43
N TYR A 407 -4.17 -8.89 -7.95
CA TYR A 407 -3.27 -9.71 -8.79
C TYR A 407 -2.86 -8.91 -10.04
N TYR A 408 -3.83 -8.19 -10.58
CA TYR A 408 -3.63 -7.33 -11.74
C TYR A 408 -2.72 -6.10 -11.42
N LEU A 409 -2.96 -5.41 -10.30
CA LEU A 409 -2.17 -4.21 -9.97
C LEU A 409 -0.72 -4.57 -9.66
N ALA A 410 -0.53 -5.67 -8.94
CA ALA A 410 0.82 -6.18 -8.68
C ALA A 410 1.56 -6.46 -9.99
N THR A 411 0.91 -7.10 -10.95
CA THR A 411 1.56 -7.43 -12.22
C THR A 411 1.92 -6.16 -12.94
N THR A 412 1.03 -5.18 -12.82
CA THR A 412 1.15 -3.90 -13.49
C THR A 412 2.29 -3.09 -12.87
N SER A 413 2.49 -3.25 -11.56
CA SER A 413 3.51 -2.49 -10.87
C SER A 413 4.90 -2.82 -11.43
N TYR A 414 5.07 -4.02 -11.98
CA TYR A 414 6.35 -4.44 -12.56
C TYR A 414 6.66 -3.89 -13.95
N LEU A 415 5.64 -3.44 -14.69
CA LEU A 415 5.84 -3.05 -16.08
C LEU A 415 6.91 -1.97 -16.23
N GLY A 416 6.87 -0.98 -15.35
CA GLY A 416 7.76 0.16 -15.48
C GLY A 416 9.05 -0.03 -14.71
N MET A 417 9.21 -1.17 -14.05
CA MET A 417 10.43 -1.44 -13.32
C MET A 417 11.46 -2.06 -14.25
N LYS A 418 12.47 -1.27 -14.60
CA LYS A 418 13.42 -1.67 -15.65
C LYS A 418 14.16 -2.97 -15.36
N SER A 419 14.21 -3.39 -14.10
CA SER A 419 15.00 -4.54 -13.73
C SER A 419 14.14 -5.81 -13.60
N ALA A 420 12.84 -5.65 -13.81
CA ALA A 420 11.94 -6.81 -13.83
C ALA A 420 12.24 -7.67 -15.05
N THR A 421 12.45 -8.96 -14.81
CA THR A 421 12.73 -9.91 -15.88
C THR A 421 11.57 -10.88 -16.06
N GLU A 422 11.64 -11.67 -17.12
CA GLU A 422 10.59 -12.64 -17.43
C GLU A 422 10.38 -13.60 -16.27
N GLN A 423 11.47 -13.97 -15.62
CA GLN A 423 11.42 -14.90 -14.49
C GLN A 423 10.68 -14.30 -13.30
N ASP A 424 10.71 -12.98 -13.18
CA ASP A 424 9.96 -12.30 -12.12
C ASP A 424 8.46 -12.37 -12.39
N PHE A 425 8.05 -12.24 -13.66
CA PHE A 425 6.63 -12.38 -14.00
C PHE A 425 6.16 -13.82 -13.88
N GLU A 426 7.06 -14.76 -14.17
CA GLU A 426 6.74 -16.18 -14.06
C GLU A 426 6.43 -16.52 -12.60
N TRP A 427 7.21 -15.97 -11.68
CA TRP A 427 6.97 -16.19 -10.25
C TRP A 427 5.62 -15.63 -9.82
N LEU A 428 5.34 -14.41 -10.25
CA LEU A 428 4.10 -13.73 -9.88
C LEU A 428 2.86 -14.41 -10.48
N SER A 429 3.01 -14.95 -11.68
CA SER A 429 1.89 -15.59 -12.37
C SER A 429 1.39 -16.86 -11.66
N LYS A 430 2.23 -17.46 -10.82
CA LYS A 430 1.86 -18.68 -10.09
C LYS A 430 1.16 -18.37 -8.76
N ASN A 431 0.75 -17.13 -8.58
CA ASN A 431 0.07 -16.68 -7.35
C ASN A 431 0.85 -17.05 -6.07
N PRO A 432 2.08 -16.54 -5.94
CA PRO A 432 2.85 -16.89 -4.74
C PRO A 432 2.16 -16.41 -3.47
N LYS A 433 2.51 -16.99 -2.34
CA LYS A 433 1.78 -16.79 -1.10
C LYS A 433 1.76 -15.31 -0.66
N ILE A 434 2.87 -14.60 -0.85
CA ILE A 434 2.90 -13.18 -0.44
C ILE A 434 1.87 -12.37 -1.23
N LEU A 435 1.73 -12.66 -2.52
CA LEU A 435 0.72 -11.97 -3.34
C LEU A 435 -0.69 -12.35 -2.88
N GLU A 436 -0.92 -13.65 -2.61
CA GLU A 436 -2.24 -14.12 -2.21
C GLU A 436 -2.69 -13.46 -0.90
N ALA A 437 -1.75 -13.28 0.04
CA ALA A 437 -2.06 -12.63 1.32
C ALA A 437 -2.44 -11.17 1.15
N SER A 438 -1.70 -10.46 0.31
CA SER A 438 -2.02 -9.09 0.00
C SER A 438 -3.44 -8.97 -0.60
N VAL A 439 -3.77 -9.88 -1.50
CA VAL A 439 -5.10 -9.93 -2.10
C VAL A 439 -6.21 -10.22 -1.07
N ILE A 440 -5.94 -11.14 -0.14
CA ILE A 440 -6.86 -11.50 0.93
C ILE A 440 -7.13 -10.32 1.87
N ILE A 441 -6.08 -9.61 2.23
CA ILE A 441 -6.22 -8.43 3.06
C ILE A 441 -7.12 -7.40 2.36
N CYS A 442 -6.86 -7.16 1.08
CA CYS A 442 -7.73 -6.23 0.34
C CYS A 442 -9.18 -6.69 0.36
N ARG A 443 -9.39 -7.96 0.06
CA ARG A 443 -10.75 -8.50 -0.04
C ARG A 443 -11.52 -8.41 1.28
N VAL A 444 -10.94 -8.92 2.36
CA VAL A 444 -11.69 -9.00 3.63
C VAL A 444 -11.86 -7.63 4.29
N ILE A 445 -10.89 -6.72 4.14
CA ILE A 445 -11.03 -5.37 4.71
C ILE A 445 -12.12 -4.63 3.93
N ASP A 446 -12.10 -4.77 2.61
CA ASP A 446 -13.11 -4.12 1.78
C ASP A 446 -14.50 -4.64 2.13
N ASP A 447 -14.65 -5.97 2.24
CA ASP A 447 -15.95 -6.57 2.56
C ASP A 447 -16.47 -6.16 3.93
N THR A 448 -15.56 -6.00 4.89
CA THR A 448 -15.93 -5.58 6.24
C THR A 448 -16.43 -4.13 6.23
N ALA A 449 -15.73 -3.27 5.49
CA ALA A 449 -16.04 -1.83 5.48
C ALA A 449 -17.31 -1.54 4.70
N THR A 450 -17.38 -2.13 3.50
CA THR A 450 -18.46 -1.83 2.58
C THR A 450 -19.65 -2.80 2.68
N TYR A 451 -19.71 -3.60 3.75
CA TYR A 451 -20.78 -4.59 3.89
C TYR A 451 -22.16 -3.95 3.96
N GLU A 452 -22.30 -2.92 4.78
CA GLU A 452 -23.61 -2.36 5.06
C GLU A 452 -24.23 -1.70 3.82
N VAL A 453 -23.47 -0.84 3.14
CA VAL A 453 -23.98 -0.11 1.98
C VAL A 453 -24.38 -1.06 0.83
N GLU A 454 -23.50 -1.98 0.49
CA GLU A 454 -23.78 -2.95 -0.56
C GLU A 454 -25.01 -3.81 -0.25
N LYS A 455 -25.26 -4.07 1.03
CA LYS A 455 -26.43 -4.86 1.44
C LYS A 455 -27.73 -4.10 1.19
N SER A 456 -27.70 -2.79 1.41
CA SER A 456 -28.87 -1.94 1.17
C SER A 456 -29.16 -1.82 -0.32
N ARG A 457 -28.12 -1.98 -1.15
CA ARG A 457 -28.27 -1.90 -2.60
C ARG A 457 -28.68 -3.26 -3.18
N GLY A 458 -28.96 -4.22 -2.29
CA GLY A 458 -29.53 -5.50 -2.67
C GLY A 458 -28.53 -6.62 -2.94
N GLN A 459 -27.24 -6.33 -2.77
CA GLN A 459 -26.21 -7.30 -3.11
C GLN A 459 -26.14 -8.42 -2.08
N ILE A 460 -26.89 -9.48 -2.36
CA ILE A 460 -26.97 -10.65 -1.50
C ILE A 460 -25.73 -11.53 -1.57
N ALA A 461 -24.85 -11.26 -2.55
CA ALA A 461 -23.66 -12.05 -2.76
C ALA A 461 -22.45 -11.38 -2.12
N THR A 462 -22.70 -10.61 -1.06
CA THR A 462 -21.63 -9.87 -0.44
C THR A 462 -20.85 -10.80 0.50
N GLY A 463 -19.53 -10.63 0.53
CA GLY A 463 -18.64 -11.47 1.34
C GLY A 463 -19.13 -11.85 2.72
N ILE A 464 -19.49 -10.86 3.53
CA ILE A 464 -19.94 -11.12 4.90
C ILE A 464 -21.22 -11.96 4.91
N GLU A 465 -22.13 -11.70 3.96
CA GLU A 465 -23.38 -12.46 3.86
C GLU A 465 -23.13 -13.94 3.58
N CYS A 466 -22.29 -14.20 2.57
CA CYS A 466 -21.79 -15.54 2.28
C CYS A 466 -21.27 -16.19 3.55
N CYS A 467 -20.46 -15.45 4.30
CA CYS A 467 -19.84 -15.96 5.50
C CYS A 467 -20.88 -16.29 6.57
N MET A 468 -21.84 -15.38 6.75
CA MET A 468 -22.92 -15.62 7.70
C MET A 468 -23.75 -16.86 7.36
N ARG A 469 -24.17 -16.97 6.10
CA ARG A 469 -25.05 -18.06 5.67
C ARG A 469 -24.35 -19.41 5.67
N ASP A 470 -23.11 -19.42 5.18
CA ASP A 470 -22.30 -20.63 5.14
C ASP A 470 -22.12 -21.22 6.55
N TYR A 471 -21.58 -20.43 7.48
CA TYR A 471 -21.26 -20.91 8.83
C TYR A 471 -22.39 -20.83 9.86
N GLY A 472 -23.48 -20.17 9.52
CA GLY A 472 -24.59 -20.00 10.45
C GLY A 472 -24.23 -19.14 11.65
N ILE A 473 -23.57 -18.03 11.38
CA ILE A 473 -23.06 -17.12 12.42
C ILE A 473 -23.50 -15.67 12.15
N SER A 474 -23.48 -14.83 13.19
CA SER A 474 -23.99 -13.46 13.05
C SER A 474 -23.02 -12.58 12.28
N THR A 475 -23.48 -11.37 11.96
CA THR A 475 -22.64 -10.41 11.23
C THR A 475 -21.36 -10.09 12.01
N LYS A 476 -21.51 -9.99 13.33
CA LYS A 476 -20.39 -9.70 14.23
C LYS A 476 -19.33 -10.79 14.16
N GLU A 477 -19.77 -12.04 14.35
CA GLU A 477 -18.88 -13.19 14.29
C GLU A 477 -18.24 -13.32 12.91
N ALA A 478 -18.99 -12.94 11.88
CA ALA A 478 -18.49 -13.00 10.50
C ALA A 478 -17.42 -11.94 10.25
N MET A 479 -17.67 -10.73 10.72
CA MET A 479 -16.69 -9.67 10.55
C MET A 479 -15.42 -10.00 11.33
N ALA A 480 -15.59 -10.70 12.46
CA ALA A 480 -14.44 -11.10 13.27
C ALA A 480 -13.65 -12.23 12.62
N LYS A 481 -14.35 -13.12 11.90
CA LYS A 481 -13.68 -14.19 11.20
C LYS A 481 -12.87 -13.61 10.04
N PHE A 482 -13.42 -12.60 9.39
CA PHE A 482 -12.73 -11.87 8.34
C PHE A 482 -11.53 -11.10 8.88
N GLN A 483 -11.71 -10.47 10.04
CA GLN A 483 -10.62 -9.74 10.67
C GLN A 483 -9.45 -10.69 10.90
N ASN A 484 -9.79 -11.92 11.27
CA ASN A 484 -8.77 -12.90 11.56
C ASN A 484 -8.03 -13.40 10.32
N MET A 485 -8.73 -13.50 9.19
CA MET A 485 -8.08 -13.86 7.93
C MET A 485 -7.09 -12.78 7.53
N ALA A 486 -7.43 -11.53 7.83
CA ALA A 486 -6.51 -10.45 7.58
C ALA A 486 -5.26 -10.59 8.45
N GLU A 487 -5.44 -10.97 9.71
CA GLU A 487 -4.28 -11.11 10.61
C GLU A 487 -3.37 -12.25 10.17
N THR A 488 -3.99 -13.35 9.76
CA THR A 488 -3.26 -14.50 9.24
C THR A 488 -2.50 -14.12 7.98
N ALA A 489 -3.15 -13.37 7.11
CA ALA A 489 -2.53 -12.91 5.88
C ALA A 489 -1.31 -11.99 6.13
N TRP A 490 -1.38 -11.16 7.17
CA TRP A 490 -0.22 -10.31 7.47
C TRP A 490 0.99 -11.15 7.90
N LYS A 491 0.76 -12.20 8.69
CA LYS A 491 1.85 -13.07 9.09
C LYS A 491 2.49 -13.71 7.87
N ASP A 492 1.68 -14.07 6.86
CA ASP A 492 2.21 -14.63 5.61
C ASP A 492 3.00 -13.61 4.79
N ILE A 493 2.52 -12.38 4.71
CA ILE A 493 3.32 -11.30 4.13
C ILE A 493 4.68 -11.19 4.82
N ASN A 494 4.65 -11.10 6.14
CA ASN A 494 5.89 -10.92 6.92
C ASN A 494 6.86 -12.08 6.68
N GLU A 495 6.32 -13.29 6.68
CA GLU A 495 7.11 -14.49 6.35
C GLU A 495 7.68 -14.42 4.93
N GLY A 496 6.87 -13.97 3.98
CA GLY A 496 7.30 -13.85 2.59
C GLY A 496 8.45 -12.87 2.36
N LEU A 497 8.74 -12.03 3.34
CA LEU A 497 9.83 -11.06 3.18
C LEU A 497 11.15 -11.64 3.68
N LEU A 498 11.09 -12.78 4.35
CA LEU A 498 12.26 -13.37 4.99
C LEU A 498 13.20 -14.03 3.98
N ARG A 499 14.50 -13.89 4.19
CA ARG A 499 15.51 -14.47 3.31
C ARG A 499 15.64 -15.97 3.51
N PRO A 500 15.98 -16.72 2.45
CA PRO A 500 16.15 -16.25 1.06
C PRO A 500 14.81 -15.99 0.38
N THR A 501 14.70 -14.84 -0.29
CA THR A 501 13.47 -14.45 -0.98
C THR A 501 13.42 -15.09 -2.36
N PRO A 502 12.21 -15.35 -2.88
CA PRO A 502 12.16 -16.11 -4.14
C PRO A 502 12.48 -15.23 -5.36
N VAL A 503 12.34 -13.91 -5.20
CA VAL A 503 12.75 -12.92 -6.17
C VAL A 503 13.41 -11.79 -5.38
N SER A 504 13.97 -10.78 -6.04
CA SER A 504 14.54 -9.62 -5.34
C SER A 504 13.51 -8.94 -4.47
N THR A 505 13.98 -8.38 -3.36
CA THR A 505 13.14 -7.65 -2.42
C THR A 505 12.45 -6.51 -3.15
N GLU A 506 13.12 -6.00 -4.17
CA GLU A 506 12.57 -4.95 -5.00
C GLU A 506 11.19 -5.34 -5.58
N PHE A 507 10.97 -6.63 -5.80
CA PHE A 507 9.71 -7.06 -6.40
C PHE A 507 8.69 -7.57 -5.36
N LEU A 508 9.12 -7.65 -4.09
CA LEU A 508 8.22 -7.95 -2.98
C LEU A 508 7.61 -6.67 -2.39
N THR A 509 8.41 -5.63 -2.28
CA THR A 509 7.97 -4.39 -1.64
C THR A 509 6.68 -3.82 -2.25
N PRO A 510 6.51 -3.89 -3.59
CA PRO A 510 5.23 -3.38 -4.12
C PRO A 510 4.00 -4.12 -3.59
N ILE A 511 4.16 -5.42 -3.36
CA ILE A 511 3.07 -6.27 -2.89
C ILE A 511 2.75 -5.93 -1.44
N LEU A 512 3.79 -5.78 -0.63
CA LEU A 512 3.66 -5.31 0.74
C LEU A 512 2.97 -3.96 0.76
N ASN A 513 3.41 -3.07 -0.12
CA ASN A 513 2.87 -1.72 -0.16
C ASN A 513 1.41 -1.69 -0.58
N LEU A 514 1.02 -2.60 -1.47
CA LEU A 514 -0.42 -2.77 -1.80
C LEU A 514 -1.26 -3.12 -0.55
N ALA A 515 -0.74 -3.98 0.31
CA ALA A 515 -1.43 -4.34 1.55
C ALA A 515 -1.54 -3.16 2.50
N ARG A 516 -0.44 -2.42 2.65
CA ARG A 516 -0.45 -1.17 3.42
C ARG A 516 -1.51 -0.15 2.94
N ILE A 517 -1.62 0.04 1.63
CA ILE A 517 -2.61 1.01 1.11
C ILE A 517 -4.05 0.64 1.50
N VAL A 518 -4.36 -0.65 1.48
CA VAL A 518 -5.64 -1.18 2.00
C VAL A 518 -5.90 -0.72 3.42
N GLU A 519 -4.97 -1.01 4.30
CA GLU A 519 -5.09 -0.66 5.72
C GLU A 519 -5.31 0.82 5.93
N VAL A 520 -4.59 1.61 5.16
CA VAL A 520 -4.62 3.07 5.32
C VAL A 520 -5.91 3.67 4.74
N THR A 521 -6.39 3.10 3.64
CA THR A 521 -7.56 3.66 2.95
C THR A 521 -8.85 3.32 3.68
N TYR A 522 -8.89 2.11 4.24
CA TYR A 522 -10.09 1.64 4.93
C TYR A 522 -9.92 1.72 6.43
N ILE A 523 -9.11 2.67 6.90
CA ILE A 523 -8.88 2.83 8.33
C ILE A 523 -10.20 3.20 9.01
N HIS A 524 -10.40 2.67 10.21
CA HIS A 524 -11.62 2.90 10.98
C HIS A 524 -12.89 2.45 10.24
N ASN A 525 -12.71 1.47 9.35
CA ASN A 525 -13.80 0.77 8.68
C ASN A 525 -14.69 1.60 7.77
N LEU A 526 -14.08 2.45 6.95
CA LEU A 526 -14.81 3.28 5.99
C LEU A 526 -14.17 3.19 4.60
N ASP A 527 -14.99 3.28 3.55
CA ASP A 527 -14.47 3.23 2.18
C ASP A 527 -13.88 4.59 1.79
N GLY A 528 -12.56 4.68 1.84
CA GLY A 528 -11.89 5.96 1.68
C GLY A 528 -11.64 6.33 0.23
N TYR A 529 -11.83 5.38 -0.66
CA TYR A 529 -11.63 5.64 -2.09
C TYR A 529 -12.91 6.18 -2.73
N THR A 530 -14.02 5.52 -2.46
CA THR A 530 -15.33 5.99 -2.89
C THR A 530 -15.68 7.28 -2.15
N HIS A 531 -15.29 7.35 -0.87
CA HIS A 531 -15.50 8.54 -0.06
C HIS A 531 -14.17 9.14 0.40
N PRO A 532 -13.48 9.83 -0.53
CA PRO A 532 -12.11 10.33 -0.34
C PRO A 532 -12.01 11.39 0.74
N GLU A 533 -13.07 12.16 0.96
CA GLU A 533 -13.00 13.33 1.83
C GLU A 533 -12.59 12.95 3.26
N LYS A 534 -13.08 11.80 3.74
CA LYS A 534 -12.72 11.31 5.06
C LYS A 534 -11.22 11.07 5.17
N VAL A 535 -10.76 10.01 4.51
CA VAL A 535 -9.43 9.48 4.71
C VAL A 535 -8.37 10.09 3.77
N LEU A 536 -8.58 9.93 2.46
CA LEU A 536 -7.56 10.20 1.46
C LEU A 536 -7.22 11.69 1.28
N LYS A 537 -8.20 12.55 1.50
CA LYS A 537 -8.02 13.96 1.22
C LYS A 537 -6.88 14.59 2.04
N PRO A 538 -6.85 14.39 3.37
CA PRO A 538 -5.72 14.97 4.10
C PRO A 538 -4.36 14.39 3.66
N HIS A 539 -4.33 13.12 3.29
CA HIS A 539 -3.08 12.50 2.81
C HIS A 539 -2.63 13.14 1.51
N ILE A 540 -3.57 13.29 0.57
CA ILE A 540 -3.27 13.88 -0.74
C ILE A 540 -2.77 15.32 -0.57
N ILE A 541 -3.39 16.09 0.32
CA ILE A 541 -2.96 17.44 0.60
C ILE A 541 -1.53 17.45 1.20
N ASN A 542 -1.22 16.53 2.12
CA ASN A 542 0.10 16.50 2.75
C ASN A 542 1.21 15.99 1.85
N LEU A 543 0.86 15.16 0.88
CA LEU A 543 1.87 14.57 0.00
C LEU A 543 2.04 15.33 -1.34
N LEU A 544 1.00 16.02 -1.78
CA LEU A 544 0.93 16.52 -3.16
C LEU A 544 0.51 17.98 -3.28
N VAL A 545 0.01 18.57 -2.20
CA VAL A 545 -0.31 19.99 -2.23
C VAL A 545 0.68 20.83 -1.39
N ASP A 546 0.75 20.57 -0.08
CA ASP A 546 1.58 21.36 0.85
C ASP A 546 3.01 20.84 0.96
N SER A 547 3.97 21.73 0.75
CA SER A 547 5.38 21.41 0.99
C SER A 547 5.66 21.45 2.50
N ILE A 548 6.68 20.73 2.93
CA ILE A 548 7.10 20.84 4.32
C ILE A 548 7.82 22.17 4.50
N LYS A 549 7.43 22.96 5.49
CA LYS A 549 8.08 24.25 5.68
C LYS A 549 9.49 24.06 6.22
N ILE A 550 10.46 24.67 5.53
CA ILE A 550 11.87 24.49 5.85
C ILE A 550 12.31 25.24 7.12
MG MG B . -17.02 -3.88 -2.07
MG MG C . -17.61 -3.57 -8.24
MG MG D . -17.78 -0.68 -7.93
C1 CRE E . -9.27 -0.90 -4.77
C2 CRE E . -8.19 -0.80 -5.85
C3 CRE E . -8.73 0.24 -6.77
C4 CRE E . -8.77 1.69 -6.33
C5 CRE E . -9.28 -0.20 -8.11
C6 CRE E . -9.95 0.81 -9.01
C7 CRE E . -11.45 0.80 -8.65
C8 CRE E . -11.76 -0.36 -7.71
C9 CRE E . -12.16 -1.72 -8.25
C10 CRE E . -11.65 -0.13 -6.22
C11 CRE E . -11.85 -1.24 -5.24
C12 CRE E . -10.46 -1.87 -4.98
C13 CRE E . -10.61 -2.62 -3.69
C14 CRE E . -10.03 -2.00 -2.43
C15 CRE E . -11.25 -3.82 -3.65
P1 DPO F . -16.20 -1.74 -5.57
O1 DPO F . -16.88 -1.80 -4.23
O2 DPO F . -17.07 -2.22 -6.73
O3 DPO F . -15.45 -0.45 -5.83
O4 DPO F . -15.02 -2.84 -5.50
P2 DPO F . -15.30 -4.38 -5.14
O5 DPO F . -15.85 -4.35 -3.73
O6 DPO F . -16.31 -4.82 -6.18
O7 DPO F . -13.95 -5.04 -5.25
#